data_6NE7
#
_entry.id   6NE7
#
_cell.length_a   72.286
_cell.length_b   69.858
_cell.length_c   78.971
_cell.angle_alpha   90.00
_cell.angle_beta   102.26
_cell.angle_gamma   90.00
#
_symmetry.space_group_name_H-M   'C 1 2 1'
#
loop_
_entity.id
_entity.type
_entity.pdbx_description
1 polymer 'Proto-oncogene tyrosine-protein kinase receptor Ret'
2 non-polymer 'FORMIC ACID'
3 non-polymer 'ADENOSINE MONOPHOSPHATE'
4 water water
#
_entity_poly.entity_id   1
_entity_poly.type   'polypeptide(L)'
_entity_poly.pdbx_seq_one_letter_code
;GPLSLSVDAFKILEDPKWEFPRKNLVLGKTLGEGEFGKVVKATAFHLKGRAGYTTVAVKMLKENASPSELRDLLSEFNVL
KQVNHPHVIKLYGACSQDGPLLLIVEYAKYASLRGFLRESRKVGPGYLGSGGSRNSSSLDHPDERALTMGDLISFAWQIS
QGMQYLAEMKLVHRDLAARNILVAEGRKMKISDFGLSRDV(PTR)EEDS(PTR)VKRSQGRIPVKWMAIESLFDHIYTTQ
SDVWSFGVLLWEIVTLGGNPYPGIPPERLFNLLKTGHRMERPDNCSEEMYRLMLQCWKQEPDKRPVFADISKDLEKMMVK
RR
;
_entity_poly.pdbx_strand_id   A
#
loop_
_chem_comp.id
_chem_comp.type
_chem_comp.name
_chem_comp.formula
AMP non-polymer 'ADENOSINE MONOPHOSPHATE' 'C10 H14 N5 O7 P'
FMT non-polymer 'FORMIC ACID' 'C H2 O2'
#
# COMPACT_ATOMS: atom_id res chain seq x y z
N GLY A 1 25.59 -2.61 -12.91
CA GLY A 1 25.16 -3.31 -11.67
C GLY A 1 23.71 -3.77 -11.79
N PRO A 2 23.05 -4.17 -10.69
CA PRO A 2 21.66 -4.64 -10.75
C PRO A 2 20.73 -3.65 -11.45
N LEU A 3 20.91 -2.34 -11.24
CA LEU A 3 19.93 -1.40 -11.78
C LEU A 3 20.17 -1.20 -13.27
N SER A 4 21.46 -1.06 -13.68
CA SER A 4 21.73 -0.89 -15.10
C SER A 4 21.18 -2.07 -15.90
N LEU A 5 21.21 -3.29 -15.33
CA LEU A 5 20.64 -4.49 -15.96
C LEU A 5 19.12 -4.36 -16.19
N SER A 6 18.39 -3.98 -15.12
CA SER A 6 16.95 -3.74 -15.15
C SER A 6 16.56 -2.60 -16.10
N VAL A 7 17.33 -1.51 -16.10
CA VAL A 7 17.00 -0.39 -16.97
C VAL A 7 17.10 -0.87 -18.41
N ASP A 8 18.20 -1.57 -18.70
CA ASP A 8 18.40 -2.09 -20.04
C ASP A 8 17.30 -3.10 -20.37
N ALA A 9 17.12 -4.10 -19.51
CA ALA A 9 16.01 -5.05 -19.64
C ALA A 9 14.72 -4.33 -20.00
N PHE A 10 14.39 -3.25 -19.28
CA PHE A 10 13.09 -2.58 -19.36
C PHE A 10 12.96 -1.79 -20.67
N LYS A 11 14.09 -1.49 -21.30
CA LYS A 11 14.09 -0.68 -22.50
C LYS A 11 13.97 -1.59 -23.73
N ILE A 12 14.47 -2.83 -23.60
CA ILE A 12 14.55 -3.81 -24.69
C ILE A 12 13.33 -4.72 -24.70
N LEU A 13 12.89 -5.18 -23.52
CA LEU A 13 11.65 -5.93 -23.43
C LEU A 13 10.55 -5.10 -24.09
N GLU A 14 10.00 -5.65 -25.19
CA GLU A 14 9.07 -4.99 -26.10
C GLU A 14 7.76 -4.68 -25.36
N ASP A 15 7.20 -5.70 -24.70
CA ASP A 15 5.99 -5.61 -23.87
C ASP A 15 4.92 -4.80 -24.58
N PRO A 16 4.34 -5.30 -25.69
CA PRO A 16 3.26 -4.59 -26.37
C PRO A 16 1.99 -4.64 -25.54
N LYS A 17 1.94 -5.56 -24.56
CA LYS A 17 0.84 -5.60 -23.60
C LYS A 17 0.84 -4.37 -22.68
N TRP A 18 2.02 -3.79 -22.37
CA TRP A 18 2.07 -2.64 -21.48
C TRP A 18 2.41 -1.34 -22.21
N GLU A 19 3.35 -1.37 -23.16
CA GLU A 19 3.84 -0.11 -23.70
C GLU A 19 2.67 0.66 -24.28
N PHE A 20 2.68 1.99 -24.04
CA PHE A 20 1.62 2.90 -24.42
C PHE A 20 2.21 4.13 -25.11
N PRO A 21 1.64 4.57 -26.26
CA PRO A 21 2.20 5.70 -27.00
C PRO A 21 2.09 6.98 -26.19
N ARG A 22 3.24 7.64 -25.94
CA ARG A 22 3.35 8.89 -25.18
C ARG A 22 2.46 9.93 -25.82
N LYS A 23 2.24 9.81 -27.14
CA LYS A 23 1.44 10.79 -27.85
C LYS A 23 0.00 10.76 -27.33
N ASN A 24 -0.48 9.61 -26.84
CA ASN A 24 -1.89 9.45 -26.45
C ASN A 24 -2.14 9.71 -24.97
N LEU A 25 -1.15 10.28 -24.27
CA LEU A 25 -1.21 10.50 -22.84
C LEU A 25 -1.09 12.00 -22.57
N VAL A 26 -2.02 12.54 -21.77
CA VAL A 26 -1.95 13.96 -21.49
C VAL A 26 -1.90 14.15 -19.98
N LEU A 27 -0.84 14.83 -19.51
CA LEU A 27 -0.56 14.93 -18.09
C LEU A 27 -1.19 16.20 -17.54
N GLY A 28 -1.68 16.12 -16.30
CA GLY A 28 -2.22 17.29 -15.62
C GLY A 28 -1.57 17.53 -14.25
N LYS A 29 -2.40 18.01 -13.31
CA LYS A 29 -1.95 18.53 -12.04
C LYS A 29 -1.32 17.42 -11.19
N THR A 30 -0.46 17.81 -10.24
CA THR A 30 0.18 16.83 -9.37
C THR A 30 -0.82 16.38 -8.31
N LEU A 31 -0.98 15.07 -8.16
CA LEU A 31 -1.88 14.63 -7.12
C LEU A 31 -1.11 14.50 -5.82
N GLY A 32 0.23 14.35 -5.91
CA GLY A 32 1.11 14.30 -4.74
C GLY A 32 2.37 13.46 -4.96
N GLU A 33 3.11 13.25 -3.86
CA GLU A 33 4.39 12.56 -3.90
C GLU A 33 4.28 11.27 -3.08
N GLY A 34 4.86 10.19 -3.65
CA GLY A 34 4.86 8.89 -3.01
C GLY A 34 6.28 8.50 -2.57
N GLU A 35 6.53 7.18 -2.50
CA GLU A 35 7.78 6.66 -1.96
C GLU A 35 8.98 6.89 -2.88
N PHE A 36 8.79 7.09 -4.21
CA PHE A 36 9.93 7.20 -5.11
C PHE A 36 9.79 8.29 -6.19
N GLY A 37 8.67 9.00 -6.20
CA GLY A 37 8.45 10.04 -7.20
C GLY A 37 7.04 10.64 -7.13
N LYS A 38 6.64 11.28 -8.22
CA LYS A 38 5.49 12.14 -8.36
C LYS A 38 4.34 11.31 -8.94
N VAL A 39 3.10 11.55 -8.48
CA VAL A 39 1.88 11.02 -9.05
C VAL A 39 1.08 12.19 -9.62
N VAL A 40 0.74 12.16 -10.92
CA VAL A 40 -0.02 13.24 -11.55
C VAL A 40 -1.35 12.69 -12.07
N LYS A 41 -2.40 13.54 -12.13
CA LYS A 41 -3.64 13.15 -12.78
C LYS A 41 -3.41 13.23 -14.30
N ALA A 42 -4.01 12.30 -15.07
CA ALA A 42 -3.73 12.31 -16.50
C ALA A 42 -4.95 11.79 -17.26
N THR A 43 -4.89 11.86 -18.59
CA THR A 43 -5.93 11.28 -19.44
C THR A 43 -5.22 10.55 -20.58
N ALA A 44 -5.73 9.36 -20.93
CA ALA A 44 -5.09 8.51 -21.92
C ALA A 44 -6.11 8.20 -23.00
N PHE A 45 -5.68 8.35 -24.25
CA PHE A 45 -6.56 8.15 -25.40
C PHE A 45 -6.38 6.71 -25.93
N HIS A 46 -7.51 6.03 -26.06
CA HIS A 46 -7.53 4.67 -26.59
C HIS A 46 -6.60 3.78 -25.74
N LEU A 47 -6.82 3.80 -24.42
CA LEU A 47 -6.09 2.96 -23.46
C LEU A 47 -6.73 1.57 -23.41
N LYS A 48 -5.92 0.53 -23.65
N LYS A 48 -5.96 0.52 -23.68
CA LYS A 48 -6.30 -0.88 -23.61
CA LYS A 48 -5.73 -1.23 -23.52
CA LYS A 48 -6.39 -0.87 -23.48
C LYS A 48 -7.76 -1.13 -23.98
C LYS A 48 -7.82 -1.13 -23.96
N GLY A 49 -8.10 -0.87 -25.25
CA GLY A 49 -9.40 -1.24 -25.81
C GLY A 49 -10.55 -0.25 -25.58
N ARG A 50 -10.36 0.74 -24.68
CA ARG A 50 -11.44 1.66 -24.38
C ARG A 50 -11.39 2.82 -25.35
N ALA A 51 -12.51 3.06 -26.06
CA ALA A 51 -12.61 4.14 -27.02
C ALA A 51 -12.66 5.48 -26.29
N GLY A 52 -11.87 6.42 -26.76
CA GLY A 52 -11.84 7.76 -26.20
C GLY A 52 -10.81 7.93 -25.08
N TYR A 53 -11.02 8.96 -24.25
CA TYR A 53 -10.10 9.27 -23.18
C TYR A 53 -10.56 8.54 -21.92
N THR A 54 -9.58 8.00 -21.18
CA THR A 54 -9.79 7.48 -19.85
C THR A 54 -8.92 8.31 -18.89
N THR A 55 -9.52 8.73 -17.79
CA THR A 55 -8.75 9.45 -16.78
C THR A 55 -7.94 8.44 -15.96
N VAL A 56 -6.66 8.76 -15.74
CA VAL A 56 -5.77 7.81 -15.09
C VAL A 56 -4.83 8.57 -14.16
N ALA A 57 -4.04 7.80 -13.37
CA ALA A 57 -2.94 8.38 -12.61
C ALA A 57 -1.64 7.91 -13.25
N VAL A 58 -0.61 8.75 -13.23
CA VAL A 58 0.66 8.48 -13.83
C VAL A 58 1.70 8.67 -12.73
N LYS A 59 2.53 7.65 -12.50
CA LYS A 59 3.67 7.81 -11.59
C LYS A 59 4.92 8.10 -12.41
N MET A 60 5.74 9.05 -11.95
CA MET A 60 6.99 9.36 -12.62
C MET A 60 8.05 9.76 -11.58
N LEU A 61 9.32 9.89 -12.00
CA LEU A 61 10.40 10.19 -11.08
C LEU A 61 10.44 11.70 -10.85
N LYS A 62 10.57 12.07 -9.58
CA LYS A 62 10.75 13.47 -9.15
C LYS A 62 12.09 13.96 -9.71
N GLU A 63 12.32 15.25 -9.61
CA GLU A 63 13.57 15.87 -10.01
C GLU A 63 14.68 15.29 -9.15
N ASN A 64 15.84 15.04 -9.77
CA ASN A 64 16.99 14.64 -8.97
C ASN A 64 16.81 13.21 -8.47
N ALA A 65 16.15 12.36 -9.24
CA ALA A 65 15.89 11.02 -8.77
C ALA A 65 17.23 10.30 -8.48
N SER A 66 17.22 9.42 -7.47
CA SER A 66 18.37 8.58 -7.13
C SER A 66 18.20 7.19 -7.76
N PRO A 67 19.25 6.32 -7.76
CA PRO A 67 19.12 4.90 -8.15
C PRO A 67 18.07 4.13 -7.36
N SER A 68 17.99 4.42 -6.04
CA SER A 68 16.94 3.83 -5.20
C SER A 68 15.53 4.14 -5.73
N GLU A 69 15.25 5.39 -6.09
CA GLU A 69 13.94 5.78 -6.58
C GLU A 69 13.64 5.08 -7.91
N LEU A 70 14.61 5.08 -8.82
CA LEU A 70 14.44 4.46 -10.14
C LEU A 70 14.16 2.99 -9.98
N ARG A 71 14.90 2.35 -9.06
CA ARG A 71 14.77 0.96 -8.75
C ARG A 71 13.36 0.65 -8.22
N ASP A 72 12.86 1.46 -7.28
CA ASP A 72 11.49 1.38 -6.74
C ASP A 72 10.39 1.51 -7.82
N LEU A 73 10.53 2.50 -8.70
N LEU A 73 10.49 2.50 -8.71
CA LEU A 73 9.63 2.67 -9.86
CA LEU A 73 9.54 2.60 -9.83
C LEU A 73 9.57 1.39 -10.68
C LEU A 73 9.54 1.32 -10.68
N LEU A 74 10.74 0.80 -10.97
CA LEU A 74 10.84 -0.41 -11.80
C LEU A 74 10.26 -1.62 -11.08
N SER A 75 10.51 -1.69 -9.75
CA SER A 75 9.93 -2.72 -8.89
C SER A 75 8.40 -2.68 -8.94
N GLU A 76 7.83 -1.47 -8.77
CA GLU A 76 6.39 -1.29 -8.77
C GLU A 76 5.82 -1.73 -10.11
N PHE A 77 6.48 -1.35 -11.19
CA PHE A 77 6.09 -1.84 -12.50
C PHE A 77 6.04 -3.36 -12.55
N ASN A 78 7.18 -4.01 -12.25
CA ASN A 78 7.34 -5.47 -12.24
C ASN A 78 6.27 -6.18 -11.41
N VAL A 79 5.93 -5.63 -10.24
CA VAL A 79 4.93 -6.24 -9.37
C VAL A 79 3.52 -6.08 -9.94
N LEU A 80 3.12 -4.85 -10.29
CA LEU A 80 1.76 -4.57 -10.71
C LEU A 80 1.38 -5.32 -12.00
N LYS A 81 2.36 -5.57 -12.88
CA LYS A 81 2.09 -6.40 -14.05
C LYS A 81 1.58 -7.80 -13.68
N GLN A 82 1.96 -8.34 -12.52
CA GLN A 82 1.70 -9.72 -12.13
C GLN A 82 0.41 -9.86 -11.33
N VAL A 83 -0.15 -8.76 -10.81
CA VAL A 83 -1.26 -8.88 -9.90
C VAL A 83 -2.54 -8.34 -10.52
N ASN A 84 -3.67 -8.97 -10.16
CA ASN A 84 -4.99 -8.49 -10.51
C ASN A 84 -5.96 -8.92 -9.41
N HIS A 85 -6.55 -7.92 -8.74
CA HIS A 85 -7.49 -8.17 -7.65
C HIS A 85 -8.31 -6.90 -7.47
N PRO A 86 -9.61 -7.00 -7.16
CA PRO A 86 -10.44 -5.79 -7.08
C PRO A 86 -10.01 -4.81 -6.00
N HIS A 87 -9.15 -5.22 -5.05
CA HIS A 87 -8.71 -4.35 -3.96
C HIS A 87 -7.22 -4.01 -4.05
N VAL A 88 -6.69 -4.13 -5.27
CA VAL A 88 -5.34 -3.70 -5.58
C VAL A 88 -5.41 -2.74 -6.76
N ILE A 89 -4.73 -1.59 -6.65
N ILE A 89 -4.69 -1.61 -6.67
CA ILE A 89 -4.70 -0.67 -7.77
CA ILE A 89 -4.59 -0.64 -7.75
C ILE A 89 -4.29 -1.43 -9.03
C ILE A 89 -4.18 -1.35 -9.05
N LYS A 90 -4.85 -1.02 -10.16
CA LYS A 90 -4.62 -1.66 -11.46
C LYS A 90 -3.54 -0.90 -12.24
N LEU A 91 -2.63 -1.65 -12.86
CA LEU A 91 -1.68 -1.09 -13.79
C LEU A 91 -2.29 -1.16 -15.19
N TYR A 92 -2.20 -0.07 -15.96
CA TYR A 92 -2.71 -0.03 -17.32
C TYR A 92 -1.59 -0.09 -18.36
N GLY A 93 -0.41 0.45 -18.02
CA GLY A 93 0.61 0.57 -19.05
C GLY A 93 1.78 1.40 -18.57
N ALA A 94 2.73 1.61 -19.49
CA ALA A 94 3.90 2.43 -19.24
C ALA A 94 4.29 3.13 -20.53
N CYS A 95 5.04 4.23 -20.40
CA CYS A 95 5.74 4.82 -21.54
C CYS A 95 7.24 4.83 -21.24
N SER A 96 8.06 4.24 -22.13
CA SER A 96 9.48 4.10 -21.87
C SER A 96 10.35 4.69 -22.99
N GLN A 97 9.78 4.86 -24.18
CA GLN A 97 10.60 4.88 -25.39
C GLN A 97 11.12 6.29 -25.73
N ASP A 98 10.34 7.35 -25.44
CA ASP A 98 10.59 8.64 -26.07
C ASP A 98 10.62 9.84 -25.11
N GLY A 99 11.04 9.59 -23.87
CA GLY A 99 10.98 10.55 -22.77
C GLY A 99 11.05 9.82 -21.43
N PRO A 100 10.73 10.48 -20.31
CA PRO A 100 10.87 9.86 -19.01
C PRO A 100 9.94 8.66 -18.89
N LEU A 101 10.39 7.68 -18.13
CA LEU A 101 9.63 6.52 -17.75
C LEU A 101 8.40 6.98 -16.96
N LEU A 102 7.22 6.45 -17.35
CA LEU A 102 5.94 6.80 -16.71
C LEU A 102 5.22 5.47 -16.51
N LEU A 103 4.54 5.32 -15.37
CA LEU A 103 3.64 4.20 -15.22
C LEU A 103 2.25 4.79 -15.23
N ILE A 104 1.32 4.07 -15.90
CA ILE A 104 -0.05 4.51 -16.06
C ILE A 104 -0.92 3.59 -15.23
N VAL A 105 -1.52 4.16 -14.19
CA VAL A 105 -2.24 3.33 -13.23
C VAL A 105 -3.65 3.88 -13.02
N GLU A 106 -4.48 3.09 -12.34
CA GLU A 106 -5.86 3.44 -12.12
C GLU A 106 -5.94 4.70 -11.24
N TYR A 107 -6.86 5.60 -11.59
CA TYR A 107 -7.11 6.80 -10.81
C TYR A 107 -8.17 6.52 -9.75
N ALA A 108 -7.91 6.91 -8.49
CA ALA A 108 -8.86 6.75 -7.40
C ALA A 108 -9.47 8.11 -7.11
N LYS A 109 -10.80 8.17 -7.17
CA LYS A 109 -11.56 9.42 -7.10
C LYS A 109 -11.38 10.12 -5.75
N TYR A 110 -11.21 9.37 -4.66
CA TYR A 110 -11.15 10.00 -3.34
C TYR A 110 -9.73 10.00 -2.75
N ALA A 111 -8.70 9.82 -3.60
CA ALA A 111 -7.32 9.86 -3.15
C ALA A 111 -7.07 8.88 -2.00
N SER A 112 -6.21 9.26 -1.04
CA SER A 112 -5.68 8.29 -0.09
C SER A 112 -6.71 8.04 1.01
N LEU A 113 -6.72 6.80 1.53
CA LEU A 113 -7.57 6.49 2.66
C LEU A 113 -7.29 7.46 3.80
N ARG A 114 -6.00 7.81 4.00
CA ARG A 114 -5.64 8.73 5.06
C ARG A 114 -6.38 10.07 4.91
N GLY A 115 -6.23 10.75 3.77
CA GLY A 115 -6.88 12.04 3.55
C GLY A 115 -8.41 11.94 3.58
N PHE A 116 -8.95 10.82 3.11
CA PHE A 116 -10.39 10.63 3.05
C PHE A 116 -10.95 10.55 4.47
N LEU A 117 -10.22 9.91 5.39
CA LEU A 117 -10.70 9.74 6.75
C LEU A 117 -10.61 11.05 7.52
N ARG A 118 -9.53 11.80 7.29
CA ARG A 118 -9.28 13.03 8.02
C ARG A 118 -10.27 14.12 7.58
N GLU A 119 -10.83 13.98 6.36
CA GLU A 119 -11.87 14.89 5.91
C GLU A 119 -13.25 14.38 6.33
N SER A 120 -13.31 13.37 7.22
CA SER A 120 -14.56 12.75 7.60
C SER A 120 -14.78 12.91 9.11
N ARG A 121 -15.96 12.46 9.59
CA ARG A 121 -16.22 12.28 11.01
C ARG A 121 -17.08 11.04 11.21
N LYS A 122 -16.99 10.46 12.42
CA LYS A 122 -17.83 9.33 12.80
C LYS A 122 -19.22 9.82 13.20
N VAL A 123 -20.22 9.01 12.86
CA VAL A 123 -21.59 9.23 13.28
C VAL A 123 -22.09 7.95 13.92
N GLY A 124 -22.87 8.08 14.99
CA GLY A 124 -23.42 6.96 15.75
C GLY A 124 -24.72 6.45 15.14
N GLU A 144 -18.07 17.76 5.97
CA GLU A 144 -17.42 16.47 6.37
C GLU A 144 -18.32 15.27 6.03
N ARG A 145 -17.67 14.18 5.62
N ARG A 145 -17.68 14.18 5.59
CA ARG A 145 -18.31 12.91 5.32
CA ARG A 145 -18.33 12.91 5.30
C ARG A 145 -18.70 12.21 6.62
C ARG A 145 -18.70 12.21 6.61
N ALA A 146 -19.78 11.42 6.56
CA ALA A 146 -20.32 10.70 7.70
C ALA A 146 -20.03 9.21 7.57
N LEU A 147 -19.20 8.69 8.49
CA LEU A 147 -18.83 7.29 8.44
C LEU A 147 -19.24 6.61 9.75
N THR A 148 -19.69 5.36 9.65
CA THR A 148 -20.05 4.55 10.80
C THR A 148 -18.96 3.52 11.07
N MET A 149 -19.02 2.86 12.24
CA MET A 149 -18.08 1.80 12.51
C MET A 149 -18.19 0.69 11.44
N GLY A 150 -19.41 0.47 10.91
CA GLY A 150 -19.61 -0.46 9.81
C GLY A 150 -18.77 -0.11 8.57
N ASP A 151 -18.84 1.16 8.16
CA ASP A 151 -18.03 1.73 7.09
C ASP A 151 -16.56 1.38 7.33
N LEU A 152 -16.07 1.66 8.55
CA LEU A 152 -14.66 1.46 8.89
C LEU A 152 -14.28 -0.01 8.81
N ILE A 153 -15.15 -0.91 9.29
CA ILE A 153 -14.83 -2.32 9.32
C ILE A 153 -14.78 -2.85 7.89
N SER A 154 -15.73 -2.37 7.08
CA SER A 154 -15.78 -2.61 5.66
C SER A 154 -14.43 -2.24 5.01
N PHE A 155 -13.91 -1.05 5.31
CA PHE A 155 -12.66 -0.60 4.66
C PHE A 155 -11.55 -1.57 5.03
N ALA A 156 -11.45 -1.87 6.33
CA ALA A 156 -10.41 -2.78 6.83
C ALA A 156 -10.52 -4.15 6.16
N TRP A 157 -11.76 -4.66 6.05
CA TRP A 157 -12.00 -5.97 5.45
C TRP A 157 -11.58 -5.96 3.99
N GLN A 158 -11.91 -4.92 3.23
CA GLN A 158 -11.49 -4.89 1.82
C GLN A 158 -9.96 -4.94 1.69
N ILE A 159 -9.27 -4.24 2.59
CA ILE A 159 -7.82 -4.22 2.55
C ILE A 159 -7.30 -5.61 2.88
N SER A 160 -7.88 -6.20 3.94
CA SER A 160 -7.50 -7.54 4.35
C SER A 160 -7.64 -8.57 3.22
N GLN A 161 -8.74 -8.47 2.45
CA GLN A 161 -8.96 -9.37 1.31
C GLN A 161 -7.84 -9.22 0.27
N GLY A 162 -7.50 -7.96 -0.03
CA GLY A 162 -6.41 -7.67 -0.95
C GLY A 162 -5.10 -8.28 -0.46
N MET A 163 -4.87 -8.19 0.84
CA MET A 163 -3.62 -8.70 1.39
C MET A 163 -3.56 -10.23 1.38
N GLN A 164 -4.71 -10.90 1.60
N GLN A 164 -4.69 -10.93 1.59
CA GLN A 164 -4.83 -12.35 1.50
CA GLN A 164 -4.68 -12.40 1.50
C GLN A 164 -4.31 -12.82 0.14
C GLN A 164 -4.23 -12.82 0.10
N TYR A 165 -4.83 -12.20 -0.91
CA TYR A 165 -4.42 -12.38 -2.30
C TYR A 165 -2.92 -12.15 -2.51
N LEU A 166 -2.37 -11.00 -2.07
CA LEU A 166 -0.95 -10.71 -2.27
C LEU A 166 -0.12 -11.73 -1.48
N ALA A 167 -0.53 -12.05 -0.26
CA ALA A 167 0.23 -13.03 0.51
C ALA A 167 0.20 -14.40 -0.18
N GLU A 168 -0.93 -14.75 -0.82
CA GLU A 168 -1.02 -16.02 -1.53
C GLU A 168 -0.15 -15.99 -2.78
N MET A 169 0.12 -14.81 -3.33
CA MET A 169 1.01 -14.69 -4.48
C MET A 169 2.47 -14.72 -4.01
N LYS A 170 2.73 -14.87 -2.71
CA LYS A 170 4.10 -14.78 -2.20
C LYS A 170 4.71 -13.39 -2.46
N LEU A 171 3.90 -12.35 -2.18
CA LEU A 171 4.41 -10.98 -2.17
C LEU A 171 4.27 -10.41 -0.76
N VAL A 172 5.31 -9.66 -0.33
N VAL A 172 5.28 -9.64 -0.33
CA VAL A 172 5.25 -8.79 0.83
CA VAL A 172 5.17 -8.84 0.88
C VAL A 172 5.11 -7.35 0.32
C VAL A 172 5.17 -7.37 0.45
N HIS A 173 4.13 -6.63 0.86
CA HIS A 173 3.95 -5.23 0.49
C HIS A 173 5.02 -4.35 1.11
N ARG A 174 5.20 -4.52 2.44
CA ARG A 174 6.20 -3.86 3.26
C ARG A 174 5.83 -2.42 3.67
N ASP A 175 4.91 -1.75 2.95
CA ASP A 175 4.66 -0.34 3.24
C ASP A 175 3.15 -0.12 3.42
N LEU A 176 2.51 -1.05 4.13
CA LEU A 176 1.09 -0.94 4.37
C LEU A 176 0.86 0.21 5.36
N ALA A 177 -0.04 1.13 4.97
CA ALA A 177 -0.34 2.30 5.77
C ALA A 177 -1.52 2.98 5.08
N ALA A 178 -2.27 3.82 5.82
CA ALA A 178 -3.42 4.51 5.24
C ALA A 178 -3.04 5.41 4.06
N ARG A 179 -1.82 5.99 4.05
CA ARG A 179 -1.42 6.84 2.93
C ARG A 179 -1.17 6.05 1.65
N ASN A 180 -1.10 4.72 1.77
CA ASN A 180 -0.77 3.81 0.68
C ASN A 180 -1.99 2.99 0.26
N ILE A 181 -3.16 3.30 0.82
CA ILE A 181 -4.43 2.77 0.38
C ILE A 181 -5.15 3.88 -0.39
N LEU A 182 -5.64 3.58 -1.60
CA LEU A 182 -6.48 4.52 -2.34
C LEU A 182 -7.98 4.18 -2.18
N VAL A 183 -8.79 5.24 -2.20
CA VAL A 183 -10.25 5.15 -2.12
C VAL A 183 -10.84 5.49 -3.49
N ALA A 184 -11.38 4.46 -4.16
CA ALA A 184 -11.93 4.57 -5.50
C ALA A 184 -13.43 4.78 -5.44
N GLU A 185 -14.02 5.02 -6.63
CA GLU A 185 -15.44 5.13 -6.83
C GLU A 185 -16.16 4.06 -6.01
N GLY A 186 -17.14 4.51 -5.23
CA GLY A 186 -18.00 3.65 -4.43
C GLY A 186 -17.28 3.19 -3.17
N ARG A 187 -16.28 3.99 -2.74
CA ARG A 187 -15.47 3.77 -1.54
C ARG A 187 -14.87 2.37 -1.54
N LYS A 188 -14.32 1.96 -2.69
CA LYS A 188 -13.62 0.70 -2.81
C LYS A 188 -12.13 0.93 -2.51
N MET A 189 -11.58 0.20 -1.54
CA MET A 189 -10.17 0.32 -1.16
C MET A 189 -9.31 -0.28 -2.26
N LYS A 190 -8.17 0.34 -2.57
CA LYS A 190 -7.22 -0.25 -3.50
C LYS A 190 -5.84 -0.07 -2.84
N ILE A 191 -5.17 -1.19 -2.55
CA ILE A 191 -3.82 -1.21 -2.02
C ILE A 191 -2.94 -0.63 -3.12
N SER A 192 -2.05 0.30 -2.74
CA SER A 192 -1.20 0.94 -3.73
CA SER A 192 -1.21 0.99 -3.71
C SER A 192 0.24 1.03 -3.24
N ASP A 193 1.09 1.73 -4.02
CA ASP A 193 2.48 1.98 -3.66
C ASP A 193 3.24 0.68 -3.43
N PHE A 194 3.55 -0.02 -4.53
CA PHE A 194 4.27 -1.27 -4.56
C PHE A 194 5.78 -1.06 -4.85
N GLY A 195 6.26 0.16 -4.70
CA GLY A 195 7.70 0.41 -4.87
C GLY A 195 8.60 -0.38 -3.93
N LEU A 196 8.09 -0.76 -2.73
CA LEU A 196 8.92 -1.47 -1.76
C LEU A 196 8.61 -2.98 -1.67
N SER A 197 7.58 -3.44 -2.39
N SER A 197 7.57 -3.43 -2.40
CA SER A 197 7.09 -4.80 -2.26
CA SER A 197 7.10 -4.80 -2.32
C SER A 197 8.11 -5.76 -2.92
C SER A 197 8.16 -5.74 -2.89
N ARG A 198 8.20 -6.98 -2.38
CA ARG A 198 9.24 -7.94 -2.73
C ARG A 198 8.62 -9.33 -2.81
N ASP A 199 9.17 -10.16 -3.72
CA ASP A 199 8.76 -11.54 -3.91
C ASP A 199 9.42 -12.41 -2.84
N VAL A 200 8.65 -13.26 -2.14
CA VAL A 200 9.22 -14.12 -1.10
C VAL A 200 8.94 -15.60 -1.38
N PTR A 201 8.77 -15.94 -2.67
CA PTR A 201 8.40 -17.29 -3.09
C PTR A 201 9.37 -18.33 -2.55
O PTR A 201 8.97 -19.37 -2.02
CB PTR A 201 8.16 -17.36 -4.61
CG PTR A 201 7.69 -18.71 -5.08
CD1 PTR A 201 6.38 -19.11 -4.93
CD2 PTR A 201 8.60 -19.62 -5.63
CE1 PTR A 201 5.94 -20.36 -5.33
CE2 PTR A 201 8.19 -20.88 -6.04
CZ PTR A 201 6.85 -21.23 -5.89
OH PTR A 201 6.42 -22.49 -6.28
P PTR A 201 6.18 -23.69 -5.26
O1P PTR A 201 7.27 -23.67 -4.20
O2P PTR A 201 4.82 -23.46 -4.62
O3P PTR A 201 6.19 -24.99 -6.01
N GLU A 202 10.68 -18.02 -2.63
CA GLU A 202 11.75 -18.95 -2.33
C GLU A 202 11.75 -19.35 -0.85
N GLU A 203 11.81 -18.34 0.04
CA GLU A 203 12.17 -18.54 1.43
C GLU A 203 11.10 -18.00 2.38
N ASP A 204 10.04 -17.40 1.82
CA ASP A 204 8.96 -16.84 2.60
C ASP A 204 9.45 -15.73 3.55
N SER A 205 10.50 -15.02 3.14
CA SER A 205 10.99 -13.87 3.89
C SER A 205 11.79 -12.99 2.95
N PTR A 206 11.83 -11.69 3.23
CA PTR A 206 12.68 -10.81 2.46
C PTR A 206 13.62 -10.15 3.46
O PTR A 206 13.17 -9.59 4.44
CB PTR A 206 11.86 -9.80 1.64
CG PTR A 206 12.72 -8.68 1.13
CD1 PTR A 206 13.52 -8.83 0.01
CD2 PTR A 206 12.76 -7.48 1.85
CE1 PTR A 206 14.37 -7.81 -0.41
CE2 PTR A 206 13.57 -6.44 1.46
CZ PTR A 206 14.36 -6.62 0.34
OH PTR A 206 15.15 -5.56 0.02
P PTR A 206 16.34 -5.62 -1.02
O1P PTR A 206 17.07 -4.30 -0.79
O2P PTR A 206 17.29 -6.80 -0.84
O3P PTR A 206 15.69 -5.66 -2.38
N VAL A 207 14.93 -10.23 3.20
CA VAL A 207 15.91 -9.69 4.14
C VAL A 207 16.80 -8.71 3.40
N LYS A 208 17.11 -7.64 4.12
CA LYS A 208 17.83 -6.51 3.59
C LYS A 208 18.97 -6.19 4.55
N ARG A 209 20.20 -6.16 4.03
CA ARG A 209 21.34 -5.81 4.86
C ARG A 209 21.32 -4.33 5.27
N SER A 210 21.01 -3.46 4.31
CA SER A 210 21.02 -2.03 4.58
C SER A 210 19.71 -1.64 5.26
N GLN A 211 19.61 -0.39 5.72
CA GLN A 211 18.42 0.15 6.39
C GLN A 211 17.27 0.34 5.39
N GLY A 212 16.04 0.01 5.80
CA GLY A 212 14.91 0.16 4.90
C GLY A 212 14.36 1.58 4.88
N ARG A 213 13.41 1.80 3.96
CA ARG A 213 12.85 3.11 3.73
C ARG A 213 11.36 3.13 4.09
N ILE A 214 10.90 2.16 4.89
CA ILE A 214 9.54 2.15 5.40
C ILE A 214 9.57 2.97 6.68
N PRO A 215 8.61 3.89 6.91
CA PRO A 215 8.50 4.59 8.19
C PRO A 215 8.50 3.65 9.41
N VAL A 216 9.43 3.97 10.32
CA VAL A 216 9.67 3.23 11.55
C VAL A 216 8.35 2.82 12.21
N LYS A 217 7.39 3.76 12.28
CA LYS A 217 6.22 3.60 13.15
C LYS A 217 5.25 2.57 12.59
N TRP A 218 5.51 2.08 11.38
CA TRP A 218 4.66 1.09 10.74
C TRP A 218 5.36 -0.25 10.67
N MET A 219 6.62 -0.32 11.10
CA MET A 219 7.43 -1.53 10.92
C MET A 219 7.25 -2.53 12.07
N ALA A 220 7.24 -3.82 11.73
CA ALA A 220 7.23 -4.88 12.73
C ALA A 220 8.54 -4.82 13.52
N ILE A 221 8.51 -5.41 14.71
CA ILE A 221 9.67 -5.35 15.59
C ILE A 221 10.82 -6.12 14.96
N GLU A 222 10.56 -7.32 14.42
CA GLU A 222 11.61 -8.05 13.74
C GLU A 222 12.17 -7.28 12.53
N SER A 223 11.34 -6.51 11.79
CA SER A 223 11.81 -5.76 10.62
C SER A 223 12.76 -4.66 11.09
N LEU A 224 12.37 -3.97 12.17
CA LEU A 224 13.09 -2.83 12.72
C LEU A 224 14.46 -3.28 13.27
N PHE A 225 14.46 -4.38 14.02
CA PHE A 225 15.67 -4.88 14.66
C PHE A 225 16.46 -5.78 13.70
N ASP A 226 15.79 -6.71 13.01
CA ASP A 226 16.52 -7.80 12.33
C ASP A 226 16.48 -7.69 10.80
N HIS A 227 15.72 -6.71 10.26
CA HIS A 227 15.59 -6.45 8.82
C HIS A 227 14.93 -7.63 8.13
N ILE A 228 14.01 -8.30 8.83
CA ILE A 228 13.29 -9.43 8.27
C ILE A 228 11.87 -8.97 7.93
N TYR A 229 11.45 -9.28 6.70
CA TYR A 229 10.13 -8.92 6.22
C TYR A 229 9.41 -10.19 5.75
N THR A 230 8.23 -10.41 6.30
CA THR A 230 7.43 -11.58 5.94
C THR A 230 5.97 -11.13 5.80
N THR A 231 5.08 -12.07 5.45
CA THR A 231 3.66 -11.76 5.45
C THR A 231 3.23 -11.32 6.85
N GLN A 232 3.92 -11.86 7.87
CA GLN A 232 3.52 -11.59 9.23
CA GLN A 232 3.66 -11.64 9.28
C GLN A 232 4.02 -10.19 9.65
N SER A 233 5.03 -9.64 8.96
CA SER A 233 5.39 -8.24 9.22
C SER A 233 4.39 -7.30 8.52
N ASP A 234 3.84 -7.75 7.36
CA ASP A 234 2.72 -7.04 6.74
C ASP A 234 1.51 -6.99 7.67
N VAL A 235 1.30 -8.11 8.40
CA VAL A 235 0.18 -8.22 9.33
C VAL A 235 0.35 -7.20 10.45
N TRP A 236 1.58 -7.05 10.99
CA TRP A 236 1.86 -5.99 11.94
C TRP A 236 1.49 -4.61 11.36
N SER A 237 1.97 -4.26 10.15
CA SER A 237 1.64 -2.96 9.56
C SER A 237 0.14 -2.83 9.40
N PHE A 238 -0.53 -3.95 9.11
CA PHE A 238 -1.98 -3.87 8.99
C PHE A 238 -2.61 -3.42 10.32
N GLY A 239 -2.06 -3.88 11.45
CA GLY A 239 -2.66 -3.46 12.72
C GLY A 239 -2.49 -1.96 12.92
N VAL A 240 -1.33 -1.43 12.53
CA VAL A 240 -1.14 0.01 12.60
C VAL A 240 -2.18 0.69 11.70
N LEU A 241 -2.36 0.15 10.49
CA LEU A 241 -3.38 0.61 9.57
C LEU A 241 -4.79 0.53 10.21
N LEU A 242 -5.07 -0.55 10.92
CA LEU A 242 -6.36 -0.67 11.60
C LEU A 242 -6.55 0.50 12.57
N TRP A 243 -5.49 0.77 13.35
CA TRP A 243 -5.42 1.90 14.26
C TRP A 243 -5.67 3.23 13.53
N GLU A 244 -5.05 3.43 12.34
CA GLU A 244 -5.26 4.67 11.59
C GLU A 244 -6.73 4.80 11.19
N ILE A 245 -7.36 3.69 10.80
CA ILE A 245 -8.74 3.72 10.38
C ILE A 245 -9.66 4.04 11.56
N VAL A 246 -9.45 3.32 12.68
CA VAL A 246 -10.34 3.48 13.83
C VAL A 246 -10.21 4.89 14.41
N THR A 247 -9.05 5.56 14.22
CA THR A 247 -8.86 6.93 14.67
C THR A 247 -9.19 7.96 13.59
N LEU A 248 -9.74 7.50 12.45
CA LEU A 248 -10.00 8.34 11.28
C LEU A 248 -8.75 9.11 10.90
N GLY A 249 -7.63 8.37 10.80
CA GLY A 249 -6.41 8.87 10.21
C GLY A 249 -5.57 9.62 11.25
N GLY A 250 -5.55 9.10 12.48
CA GLY A 250 -4.62 9.60 13.48
C GLY A 250 -3.17 9.30 13.11
N ASN A 251 -2.24 9.95 13.80
CA ASN A 251 -0.82 9.72 13.62
C ASN A 251 -0.38 8.68 14.65
N PRO A 252 0.12 7.49 14.23
CA PRO A 252 0.56 6.45 15.18
C PRO A 252 1.62 6.90 16.20
N TYR A 253 1.52 6.34 17.40
CA TYR A 253 2.42 6.65 18.51
C TYR A 253 2.54 8.16 18.65
N PRO A 254 1.40 8.90 18.78
CA PRO A 254 1.40 10.37 18.77
C PRO A 254 2.37 10.93 19.81
N GLY A 255 3.20 11.87 19.38
CA GLY A 255 4.14 12.56 20.24
C GLY A 255 5.42 11.79 20.55
N ILE A 256 5.53 10.53 20.14
CA ILE A 256 6.72 9.78 20.48
C ILE A 256 7.67 9.88 19.28
N PRO A 257 8.92 10.34 19.45
CA PRO A 257 9.89 10.35 18.35
C PRO A 257 10.16 8.93 17.83
N PRO A 258 10.35 8.73 16.51
CA PRO A 258 10.59 7.40 15.94
C PRO A 258 11.71 6.58 16.56
N GLU A 259 12.81 7.25 16.95
CA GLU A 259 13.98 6.57 17.54
C GLU A 259 13.64 5.87 18.88
N ARG A 260 12.56 6.31 19.53
N ARG A 260 12.56 6.31 19.52
CA ARG A 260 12.16 5.76 20.81
CA ARG A 260 12.15 5.77 20.80
C ARG A 260 11.54 4.38 20.61
N LEU A 261 11.13 4.07 19.36
CA LEU A 261 10.40 2.83 19.12
C LEU A 261 11.21 1.56 19.42
N PHE A 262 12.54 1.63 19.23
CA PHE A 262 13.38 0.48 19.53
C PHE A 262 13.12 -0.01 20.95
N ASN A 263 13.29 0.90 21.92
CA ASN A 263 13.17 0.57 23.34
C ASN A 263 11.70 0.31 23.72
N LEU A 264 10.79 1.12 23.15
CA LEU A 264 9.37 1.01 23.48
C LEU A 264 8.83 -0.35 23.08
N LEU A 265 9.16 -0.78 21.85
CA LEU A 265 8.72 -2.08 21.37
C LEU A 265 9.40 -3.24 22.12
N LYS A 266 10.72 -3.18 22.36
CA LYS A 266 11.40 -4.33 22.93
C LYS A 266 10.97 -4.55 24.38
N THR A 267 10.38 -3.54 25.03
CA THR A 267 9.90 -3.69 26.40
C THR A 267 8.39 -3.95 26.39
N GLY A 268 7.88 -4.35 25.22
CA GLY A 268 6.52 -4.86 25.12
C GLY A 268 5.46 -3.76 25.17
N HIS A 269 5.85 -2.49 24.98
CA HIS A 269 4.83 -1.45 24.87
C HIS A 269 4.21 -1.41 23.48
N ARG A 270 2.91 -1.12 23.44
CA ARG A 270 2.14 -0.98 22.21
C ARG A 270 1.22 0.23 22.36
N MET A 271 0.56 0.62 21.27
CA MET A 271 -0.33 1.75 21.37
C MET A 271 -1.52 1.38 22.26
N GLU A 272 -2.04 2.35 23.02
CA GLU A 272 -3.20 2.10 23.84
C GLU A 272 -4.45 2.05 22.96
N ARG A 273 -5.49 1.38 23.48
CA ARG A 273 -6.81 1.43 22.88
C ARG A 273 -7.18 2.89 22.64
N PRO A 274 -7.47 3.28 21.39
CA PRO A 274 -7.93 4.64 21.10
C PRO A 274 -9.41 4.72 21.45
N ASP A 275 -9.94 5.96 21.52
CA ASP A 275 -11.34 6.22 21.74
C ASP A 275 -12.19 5.69 20.58
N ASN A 276 -13.48 5.46 20.84
CA ASN A 276 -14.40 4.98 19.84
C ASN A 276 -13.87 3.70 19.19
N CYS A 277 -13.40 2.74 20.02
CA CYS A 277 -12.82 1.49 19.58
C CYS A 277 -13.23 0.38 20.55
N SER A 278 -13.87 -0.67 20.01
CA SER A 278 -14.31 -1.84 20.78
C SER A 278 -13.14 -2.61 21.37
N GLU A 279 -13.45 -3.51 22.30
CA GLU A 279 -12.47 -4.41 22.88
C GLU A 279 -12.04 -5.42 21.83
N GLU A 280 -13.01 -5.92 21.05
CA GLU A 280 -12.80 -6.85 19.95
C GLU A 280 -11.78 -6.26 18.97
N MET A 281 -12.01 -5.02 18.53
CA MET A 281 -11.16 -4.39 17.53
C MET A 281 -9.73 -4.24 18.07
N TYR A 282 -9.61 -3.80 19.34
CA TYR A 282 -8.31 -3.58 19.97
C TYR A 282 -7.55 -4.89 20.13
N ARG A 283 -8.27 -5.93 20.54
CA ARG A 283 -7.70 -7.26 20.66
C ARG A 283 -7.08 -7.67 19.32
N LEU A 284 -7.74 -7.31 18.21
CA LEU A 284 -7.23 -7.65 16.88
C LEU A 284 -5.91 -6.91 16.62
N MET A 285 -5.90 -5.60 16.92
CA MET A 285 -4.68 -4.80 16.84
C MET A 285 -3.54 -5.48 17.59
N LEU A 286 -3.76 -5.79 18.89
CA LEU A 286 -2.69 -6.31 19.73
C LEU A 286 -2.19 -7.65 19.19
N GLN A 287 -3.12 -8.47 18.68
CA GLN A 287 -2.74 -9.75 18.07
C GLN A 287 -1.80 -9.50 16.88
N CYS A 288 -2.11 -8.50 16.05
CA CYS A 288 -1.26 -8.09 14.91
C CYS A 288 0.15 -7.64 15.35
N TRP A 289 0.27 -7.13 16.60
CA TRP A 289 1.52 -6.57 17.15
C TRP A 289 2.20 -7.51 18.15
N LYS A 290 1.80 -8.79 18.19
CA LYS A 290 2.50 -9.77 19.02
C LYS A 290 3.97 -9.81 18.63
N GLN A 291 4.82 -9.96 19.64
CA GLN A 291 6.26 -9.94 19.42
C GLN A 291 6.62 -11.09 18.49
N GLU A 292 5.99 -12.24 18.69
CA GLU A 292 6.36 -13.47 18.00
C GLU A 292 5.54 -13.56 16.71
N PRO A 293 6.16 -13.48 15.53
CA PRO A 293 5.43 -13.34 14.27
C PRO A 293 4.44 -14.48 14.04
N ASP A 294 4.79 -15.67 14.54
CA ASP A 294 3.99 -16.88 14.43
C ASP A 294 2.70 -16.78 15.24
N LYS A 295 2.67 -15.93 16.27
CA LYS A 295 1.47 -15.80 17.06
C LYS A 295 0.46 -14.84 16.43
N ARG A 296 0.90 -13.94 15.54
CA ARG A 296 -0.04 -12.99 14.95
C ARG A 296 -0.99 -13.76 14.03
N PRO A 297 -2.23 -13.28 13.80
CA PRO A 297 -3.13 -13.89 12.81
C PRO A 297 -2.60 -13.79 11.38
N VAL A 298 -3.16 -14.61 10.48
CA VAL A 298 -2.96 -14.47 9.05
C VAL A 298 -4.10 -13.63 8.49
N PHE A 299 -3.93 -13.12 7.25
CA PHE A 299 -4.94 -12.21 6.72
C PHE A 299 -6.34 -12.86 6.66
N ALA A 300 -6.41 -14.17 6.38
CA ALA A 300 -7.64 -14.92 6.30
C ALA A 300 -8.36 -14.85 7.64
N ASP A 301 -7.58 -15.05 8.71
CA ASP A 301 -8.07 -14.93 10.09
C ASP A 301 -8.56 -13.52 10.33
N ILE A 302 -7.77 -12.52 9.86
CA ILE A 302 -8.13 -11.12 10.02
C ILE A 302 -9.46 -10.84 9.32
N SER A 303 -9.61 -11.29 8.06
CA SER A 303 -10.86 -11.07 7.33
C SER A 303 -12.03 -11.72 8.08
N LYS A 304 -11.83 -12.92 8.62
CA LYS A 304 -12.88 -13.63 9.36
C LYS A 304 -13.28 -12.84 10.61
N ASP A 305 -12.29 -12.30 11.34
CA ASP A 305 -12.57 -11.52 12.54
C ASP A 305 -13.34 -10.25 12.18
N LEU A 306 -12.99 -9.61 11.07
CA LEU A 306 -13.67 -8.38 10.73
C LEU A 306 -15.12 -8.64 10.30
N GLU A 307 -15.35 -9.68 9.50
CA GLU A 307 -16.67 -10.02 8.97
C GLU A 307 -17.63 -10.24 10.13
N LYS A 308 -17.11 -10.93 11.17
CA LYS A 308 -17.84 -11.27 12.39
C LYS A 308 -18.27 -9.99 13.11
N MET A 309 -17.33 -9.06 13.27
CA MET A 309 -17.63 -7.75 13.90
C MET A 309 -18.72 -7.06 13.08
N MET A 310 -18.61 -7.11 11.77
CA MET A 310 -19.60 -6.43 10.91
C MET A 310 -21.01 -6.96 11.15
N VAL A 311 -21.17 -8.27 11.20
CA VAL A 311 -22.51 -8.89 11.31
C VAL A 311 -23.01 -8.82 12.76
N LYS A 312 -22.10 -8.82 13.71
CA LYS A 312 -22.47 -8.80 15.15
C LYS A 312 -23.07 -7.45 15.51
N ARG A 313 -22.60 -6.39 14.85
CA ARG A 313 -23.06 -5.03 15.13
C ARG A 313 -24.47 -4.78 14.58
N ARG A 314 -24.89 -5.51 13.55
CA ARG A 314 -26.28 -5.25 13.06
C ARG A 314 -27.31 -5.67 14.11
C FMT B . 23.71 -0.44 -10.94
O1 FMT B . 23.12 -1.02 -10.04
O2 FMT B . 23.73 -0.84 -12.18
C FMT C . 13.94 -0.55 1.49
O1 FMT C . 13.66 -1.37 0.64
O2 FMT C . 13.16 -0.29 2.49
N9 AMP D . -2.68 9.56 -5.61
C8 AMP D . -1.61 8.69 -5.67
N7 AMP D . -1.81 7.67 -6.47
C5 AMP D . -3.09 7.86 -6.96
C6 AMP D . -3.90 7.12 -7.84
N6 AMP D . -3.52 5.97 -8.41
N1 AMP D . -5.13 7.61 -8.12
C2 AMP D . -5.53 8.74 -7.54
N3 AMP D . -4.87 9.52 -6.68
C4 AMP D . -3.64 9.03 -6.43
#